data_6J0Z
#
_entry.id   6J0Z
#
_cell.length_a   89.882
_cell.length_b   89.882
_cell.length_c   260.737
_cell.angle_alpha   90.00
_cell.angle_beta   90.00
_cell.angle_gamma   120.00
#
_symmetry.space_group_name_H-M   'P 61 2 2'
#
loop_
_entity.id
_entity.type
_entity.pdbx_description
1 polymer 'Putative angucycline-like polyketide oxygenase'
2 non-polymer 'FLAVIN-ADENINE DINUCLEOTIDE'
#
_entity_poly.entity_id   1
_entity_poly.type   'polypeptide(L)'
_entity_poly.pdbx_seq_one_letter_code
;MEFYDSDVVVVGAGPTGLMLAGELRLAGVSVVVLDKLAEPIKESRALGFSARTIEEFAQRGLMDRFGEVGVIPVGHFGGV
PLDYQVIEGGSYGARGIPQARTEGILGGWARELGAEVRRGYEVTAIEDTGTSVTVEAAGADGSPLSLRARYVVGCDGARS
SVRKLAGIDFPGTEPAIELRFADVAGVQLRPRFSGERVPGGMVMVLPMGPDRCRVIYFDSSQPLRTAPEAITFEEVADSW
QRLTGEDISGATPLWVSSATDVSRQAAQYRKGRVFLAGDAAHIHLPIGAQGMSAGVQDAVNLGWKLALDISGRAPQGLLD
TYHSERHPVGQRILTNTLAQRILYLGGDEITPMREVLAELMGSHVSVQRHLAGMVTGLDIRHDVGEGDHPLLGRRLPDRE
LVVDGEKIPFYSLLRPGRAVLLELGGDRGLRTAAAGWADRVDLVAAEFDGCEAPVDGILVRPDGYVAWVAALGAGADGLT
TALDRWFGPTA
;
_entity_poly.pdbx_strand_id   C
#
loop_
_chem_comp.id
_chem_comp.type
_chem_comp.name
_chem_comp.formula
FAD non-polymer 'FLAVIN-ADENINE DINUCLEOTIDE' 'C27 H33 N9 O15 P2'
#
# COMPACT_ATOMS: atom_id res chain seq x y z
N GLU A 2 26.49 2.13 -24.35
CA GLU A 2 25.99 2.76 -23.12
C GLU A 2 24.78 1.99 -22.61
N PHE A 3 24.97 0.66 -22.44
CA PHE A 3 23.95 -0.29 -21.99
C PHE A 3 23.65 -0.08 -20.49
N TYR A 4 22.46 -0.48 -20.07
CA TYR A 4 22.03 -0.37 -18.67
C TYR A 4 22.33 -1.65 -17.91
N ASP A 5 22.45 -1.51 -16.57
CA ASP A 5 22.50 -2.65 -15.65
C ASP A 5 21.14 -3.24 -15.38
N SER A 6 20.11 -2.44 -15.54
CA SER A 6 18.76 -2.76 -15.17
C SER A 6 17.93 -1.65 -15.77
N ASP A 7 16.74 -2.00 -16.21
CA ASP A 7 15.81 -0.98 -16.63
C ASP A 7 15.42 -0.13 -15.43
N VAL A 8 15.17 -0.77 -14.28
CA VAL A 8 14.77 -0.08 -13.06
C VAL A 8 15.69 -0.45 -11.90
N VAL A 9 16.14 0.56 -11.17
CA VAL A 9 16.79 0.37 -9.88
C VAL A 9 15.78 0.79 -8.83
N VAL A 10 15.27 -0.18 -8.09
CA VAL A 10 14.38 0.07 -6.98
C VAL A 10 15.25 0.14 -5.73
N VAL A 11 15.04 1.18 -4.92
CA VAL A 11 15.81 1.39 -3.70
C VAL A 11 14.98 1.00 -2.48
N GLY A 12 15.52 0.10 -1.66
CA GLY A 12 14.80 -0.36 -0.49
C GLY A 12 14.09 -1.67 -0.74
N ALA A 13 14.36 -2.65 0.11
CA ALA A 13 13.70 -3.95 0.05
C ALA A 13 12.62 -4.05 1.11
N GLY A 14 11.96 -2.93 1.39
CA GLY A 14 10.75 -2.94 2.16
C GLY A 14 9.62 -3.61 1.41
N PRO A 15 8.45 -3.63 2.05
CA PRO A 15 7.27 -4.20 1.36
C PRO A 15 6.98 -3.50 0.05
N THR A 16 7.09 -2.17 0.04
CA THR A 16 6.84 -1.39 -1.16
C THR A 16 7.83 -1.75 -2.26
N GLY A 17 9.12 -1.73 -1.94
CA GLY A 17 10.12 -2.07 -2.94
C GLY A 17 9.95 -3.46 -3.51
N LEU A 18 9.74 -4.45 -2.63
CA LEU A 18 9.63 -5.82 -3.10
C LEU A 18 8.40 -6.02 -3.95
N MET A 19 7.27 -5.45 -3.52
CA MET A 19 6.06 -5.53 -4.31
C MET A 19 6.28 -4.93 -5.69
N LEU A 20 6.92 -3.76 -5.74
CA LEU A 20 7.14 -3.11 -7.02
C LEU A 20 8.05 -3.94 -7.90
N ALA A 21 9.08 -4.51 -7.31
CA ALA A 21 9.98 -5.35 -8.08
C ALA A 21 9.21 -6.50 -8.69
N GLY A 22 8.29 -7.09 -7.92
CA GLY A 22 7.49 -8.18 -8.44
C GLY A 22 6.63 -7.73 -9.61
N GLU A 23 5.99 -6.56 -9.50
CA GLU A 23 5.15 -6.09 -10.61
C GLU A 23 5.96 -5.83 -11.87
N LEU A 24 7.05 -5.06 -11.73
CA LEU A 24 7.94 -4.76 -12.84
C LEU A 24 8.39 -6.04 -13.52
N ARG A 25 9.06 -6.89 -12.74
CA ARG A 25 9.55 -8.17 -13.23
C ARG A 25 8.44 -9.00 -13.84
N LEU A 26 7.20 -8.85 -13.36
CA LEU A 26 6.02 -9.60 -13.86
C LEU A 26 5.77 -9.22 -15.32
N ALA A 27 5.87 -7.95 -15.59
CA ALA A 27 5.66 -7.46 -16.93
C ALA A 27 6.98 -7.27 -17.68
N GLY A 28 7.97 -8.06 -17.39
CA GLY A 28 9.19 -8.19 -18.18
C GLY A 28 10.16 -7.03 -18.09
N VAL A 29 10.66 -6.74 -16.90
CA VAL A 29 11.53 -5.61 -16.70
C VAL A 29 12.70 -6.01 -15.82
N SER A 30 13.91 -5.78 -16.31
CA SER A 30 15.11 -5.99 -15.50
C SER A 30 15.08 -5.01 -14.34
N VAL A 31 15.16 -5.53 -13.12
CA VAL A 31 15.11 -4.68 -11.95
C VAL A 31 16.18 -5.15 -10.97
N VAL A 32 16.97 -4.20 -10.48
CA VAL A 32 17.89 -4.45 -9.38
C VAL A 32 17.37 -3.71 -8.17
N VAL A 33 17.42 -4.36 -7.02
CA VAL A 33 16.93 -3.78 -5.78
C VAL A 33 18.13 -3.53 -4.89
N LEU A 34 18.14 -2.37 -4.24
CA LEU A 34 19.22 -1.97 -3.36
C LEU A 34 18.65 -1.79 -1.96
N ASP A 35 19.19 -2.52 -0.99
CA ASP A 35 18.75 -2.36 0.38
C ASP A 35 19.94 -2.17 1.28
N LYS A 36 19.86 -1.13 2.11
CA LYS A 36 20.89 -0.86 3.11
C LYS A 36 21.17 -2.10 3.96
N LEU A 37 20.13 -2.81 4.38
CA LEU A 37 20.29 -3.89 5.32
C LEU A 37 20.70 -5.18 4.63
N ALA A 38 21.67 -5.86 5.27
CA ALA A 38 22.18 -7.16 4.79
C ALA A 38 21.26 -8.30 5.21
N GLU A 39 20.34 -8.03 6.11
CA GLU A 39 19.31 -8.93 6.59
C GLU A 39 18.05 -8.11 6.83
N PRO A 40 16.87 -8.70 6.61
CA PRO A 40 15.63 -7.96 6.86
C PRO A 40 15.45 -7.70 8.36
N ILE A 41 14.58 -6.73 8.64
CA ILE A 41 14.49 -6.15 9.97
C ILE A 41 14.07 -7.20 11.00
N LYS A 42 13.34 -8.23 10.58
CA LYS A 42 12.89 -9.29 11.48
C LYS A 42 11.84 -8.79 12.49
N GLU A 43 11.31 -7.60 12.26
CA GLU A 43 10.42 -6.94 13.20
C GLU A 43 8.97 -7.12 12.78
N SER A 44 8.15 -7.55 13.75
CA SER A 44 6.72 -7.70 13.59
C SER A 44 6.07 -6.36 13.82
N ARG A 45 6.03 -5.53 12.78
CA ARG A 45 5.56 -4.18 13.04
C ARG A 45 4.06 -3.99 12.95
N ALA A 46 3.49 -4.26 11.80
CA ALA A 46 2.09 -4.00 11.54
C ALA A 46 1.42 -5.37 11.50
N LEU A 47 0.67 -5.65 12.52
CA LEU A 47 -0.06 -6.94 12.59
C LEU A 47 -1.15 -6.91 11.52
N GLY A 48 -0.92 -7.72 10.47
CA GLY A 48 -1.86 -7.79 9.36
C GLY A 48 -1.77 -6.64 8.40
N PHE A 49 -2.73 -6.64 7.47
CA PHE A 49 -2.84 -5.57 6.50
C PHE A 49 -4.30 -5.48 6.07
N SER A 50 -4.63 -4.40 5.34
CA SER A 50 -6.01 -4.06 5.01
C SER A 50 -6.54 -4.97 3.92
N ALA A 51 -7.77 -4.92 3.57
CA ALA A 51 -8.40 -5.85 2.65
C ALA A 51 -8.25 -5.47 1.19
N ARG A 52 -7.75 -4.29 0.89
CA ARG A 52 -7.54 -3.85 -0.52
C ARG A 52 -6.21 -4.54 -0.83
N THR A 53 -5.36 -4.67 0.19
CA THR A 53 -4.06 -5.33 0.09
C THR A 53 -4.21 -6.85 0.00
N ILE A 54 -5.15 -7.44 0.75
CA ILE A 54 -5.44 -8.86 0.54
C ILE A 54 -5.83 -9.07 -0.91
N GLU A 55 -6.52 -8.10 -1.52
CA GLU A 55 -6.94 -8.29 -2.90
C GLU A 55 -5.78 -8.11 -3.85
N GLU A 56 -4.88 -7.14 -3.59
CA GLU A 56 -3.69 -6.99 -4.43
C GLU A 56 -2.88 -8.25 -4.44
N PHE A 57 -2.79 -8.92 -3.29
CA PHE A 57 -2.01 -10.14 -3.22
C PHE A 57 -2.74 -11.28 -3.93
N ALA A 58 -4.04 -11.36 -3.81
CA ALA A 58 -4.81 -12.40 -4.49
C ALA A 58 -4.89 -12.15 -5.99
N GLN A 59 -4.73 -10.91 -6.40
CA GLN A 59 -4.66 -10.60 -7.83
C GLN A 59 -3.52 -11.35 -8.47
N ARG A 60 -2.41 -11.50 -7.75
CA ARG A 60 -1.20 -12.11 -8.27
C ARG A 60 -1.04 -13.55 -7.79
N GLY A 61 -2.01 -14.08 -7.06
CA GLY A 61 -2.01 -15.46 -6.60
C GLY A 61 -1.00 -15.76 -5.52
N LEU A 62 -0.89 -14.88 -4.53
CA LEU A 62 0.16 -14.95 -3.53
C LEU A 62 -0.33 -15.32 -2.14
N MET A 63 -1.64 -15.47 -1.94
CA MET A 63 -2.13 -15.75 -0.60
C MET A 63 -1.66 -17.08 -0.04
N ASP A 64 -1.31 -18.04 -0.90
CA ASP A 64 -0.87 -19.35 -0.41
C ASP A 64 0.41 -19.21 0.40
N ARG A 65 1.28 -18.28 0.01
CA ARG A 65 2.60 -18.17 0.64
C ARG A 65 2.50 -17.83 2.12
N PHE A 66 1.34 -17.35 2.57
CA PHE A 66 1.16 -17.02 3.98
C PHE A 66 0.81 -18.26 4.80
N GLY A 67 -0.27 -18.95 4.45
CA GLY A 67 -0.71 -20.09 5.21
C GLY A 67 -2.03 -19.88 5.93
N GLU A 68 -2.17 -18.79 6.69
CA GLU A 68 -3.30 -18.57 7.59
C GLU A 68 -3.82 -17.14 7.39
N VAL A 69 -4.95 -17.02 6.70
CA VAL A 69 -5.43 -15.77 6.12
C VAL A 69 -6.81 -15.39 6.67
N GLY A 70 -7.08 -15.80 7.92
CA GLY A 70 -8.24 -15.36 8.67
C GLY A 70 -8.43 -13.85 8.70
N VAL A 71 -9.68 -13.40 8.72
CA VAL A 71 -9.99 -12.00 8.50
C VAL A 71 -11.01 -11.53 9.56
N ILE A 72 -10.85 -10.28 9.98
CA ILE A 72 -11.62 -9.72 11.10
C ILE A 72 -12.78 -8.89 10.53
N PRO A 73 -14.03 -9.28 10.79
CA PRO A 73 -15.17 -8.55 10.21
C PRO A 73 -15.53 -7.27 10.94
N VAL A 74 -15.21 -7.16 12.23
CA VAL A 74 -15.58 -5.98 13.00
C VAL A 74 -14.29 -5.25 13.36
N GLY A 75 -14.14 -4.05 12.81
CA GLY A 75 -12.97 -3.23 13.07
C GLY A 75 -13.41 -1.92 13.67
N HIS A 76 -12.76 -0.82 13.34
CA HIS A 76 -13.11 0.43 13.99
C HIS A 76 -12.75 1.61 13.10
N PHE A 77 -13.20 2.78 13.52
CA PHE A 77 -12.76 4.05 12.97
C PHE A 77 -12.65 5.01 14.14
N GLY A 78 -11.45 5.53 14.38
CA GLY A 78 -11.28 6.45 15.48
C GLY A 78 -11.57 5.81 16.83
N GLY A 79 -11.59 4.48 16.88
CA GLY A 79 -11.93 3.76 18.08
C GLY A 79 -13.38 3.37 18.22
N VAL A 80 -14.20 3.62 17.20
CA VAL A 80 -15.60 3.19 17.22
C VAL A 80 -15.67 1.89 16.43
N PRO A 81 -15.93 0.74 17.07
CA PRO A 81 -16.02 -0.52 16.33
C PRO A 81 -17.31 -0.63 15.54
N LEU A 82 -17.14 -1.04 14.29
CA LEU A 82 -18.27 -1.24 13.40
C LEU A 82 -18.04 -2.52 12.62
N ASP A 83 -19.15 -3.02 12.02
CA ASP A 83 -19.13 -4.21 11.19
C ASP A 83 -18.63 -3.84 9.80
N TYR A 84 -17.60 -4.55 9.32
CA TYR A 84 -17.07 -4.24 8.01
C TYR A 84 -17.75 -5.02 6.90
N GLN A 85 -18.40 -6.10 7.20
CA GLN A 85 -18.90 -6.86 6.07
C GLN A 85 -20.15 -6.25 5.40
N VAL A 86 -20.59 -5.06 5.79
CA VAL A 86 -21.74 -4.47 5.12
C VAL A 86 -21.36 -4.02 3.72
N ILE A 87 -20.12 -3.58 3.52
CA ILE A 87 -19.61 -3.45 2.16
C ILE A 87 -19.44 -4.84 1.59
N GLU A 88 -19.91 -5.04 0.37
CA GLU A 88 -19.67 -6.27 -0.35
C GLU A 88 -18.16 -6.45 -0.52
N GLY A 89 -17.61 -7.46 0.14
CA GLY A 89 -16.18 -7.76 0.06
C GLY A 89 -15.30 -7.07 1.09
N GLY A 90 -15.83 -6.09 1.81
CA GLY A 90 -15.02 -5.39 2.79
C GLY A 90 -14.74 -6.25 4.02
N SER A 91 -13.71 -5.84 4.74
CA SER A 91 -13.28 -6.47 5.97
C SER A 91 -12.26 -5.53 6.58
N TYR A 92 -11.91 -5.78 7.83
CA TYR A 92 -10.89 -4.98 8.48
C TYR A 92 -9.49 -5.47 8.16
N GLY A 93 -9.36 -6.50 7.33
CA GLY A 93 -8.08 -6.99 6.86
C GLY A 93 -7.61 -8.24 7.61
N ALA A 94 -6.41 -8.68 7.24
CA ALA A 94 -5.85 -9.89 7.80
C ALA A 94 -5.37 -9.65 9.23
N ARG A 95 -5.54 -10.67 10.04
CA ARG A 95 -5.38 -10.46 11.49
C ARG A 95 -3.97 -10.60 12.06
N GLY A 96 -3.31 -11.66 11.68
CA GLY A 96 -2.10 -12.01 12.43
C GLY A 96 -0.80 -12.02 11.67
N ILE A 97 -0.72 -11.36 10.52
CA ILE A 97 0.51 -11.41 9.75
C ILE A 97 1.44 -10.27 10.15
N PRO A 98 2.56 -10.56 10.79
CA PRO A 98 3.53 -9.49 11.07
C PRO A 98 4.21 -9.06 9.79
N GLN A 99 4.76 -7.85 9.82
CA GLN A 99 5.46 -7.24 8.66
C GLN A 99 6.58 -8.17 8.19
N ALA A 100 7.23 -8.87 9.12
CA ALA A 100 8.32 -9.77 8.77
C ALA A 100 7.86 -10.83 7.79
N ARG A 101 6.69 -11.42 8.03
CA ARG A 101 6.23 -12.48 7.15
C ARG A 101 5.88 -11.93 5.77
N THR A 102 5.30 -10.72 5.74
CA THR A 102 4.95 -10.10 4.46
C THR A 102 6.19 -9.79 3.62
N GLU A 103 7.19 -9.17 4.23
CA GLU A 103 8.44 -8.94 3.52
C GLU A 103 9.10 -10.25 3.10
N GLY A 104 9.01 -11.29 3.94
CA GLY A 104 9.64 -12.56 3.58
C GLY A 104 9.06 -13.14 2.31
N ILE A 105 7.72 -13.19 2.22
CA ILE A 105 7.17 -13.79 1.01
C ILE A 105 7.35 -12.88 -0.18
N LEU A 106 7.38 -11.55 0.02
CA LEU A 106 7.60 -10.69 -1.14
C LEU A 106 9.04 -10.82 -1.65
N GLY A 107 10.02 -10.97 -0.76
CA GLY A 107 11.37 -11.26 -1.20
C GLY A 107 11.44 -12.57 -1.97
N GLY A 108 10.77 -13.60 -1.45
CA GLY A 108 10.75 -14.89 -2.13
C GLY A 108 10.14 -14.79 -3.51
N TRP A 109 9.01 -14.09 -3.62
CA TRP A 109 8.31 -13.94 -4.89
C TRP A 109 9.15 -13.12 -5.88
N ALA A 110 9.78 -12.05 -5.41
CA ALA A 110 10.52 -11.17 -6.30
C ALA A 110 11.77 -11.85 -6.84
N ARG A 111 12.48 -12.60 -5.99
CA ARG A 111 13.64 -13.26 -6.55
C ARG A 111 13.21 -14.48 -7.38
N GLU A 112 12.08 -15.10 -7.04
CA GLU A 112 11.57 -16.20 -7.83
C GLU A 112 11.17 -15.76 -9.23
N LEU A 113 10.71 -14.51 -9.38
CA LEU A 113 10.28 -13.97 -10.67
C LEU A 113 11.43 -13.41 -11.49
N GLY A 114 12.61 -13.23 -10.88
CA GLY A 114 13.79 -12.83 -11.62
C GLY A 114 14.45 -11.56 -11.14
N ALA A 115 13.85 -10.84 -10.20
CA ALA A 115 14.50 -9.63 -9.71
C ALA A 115 15.82 -9.99 -9.03
N GLU A 116 16.73 -9.02 -9.00
CA GLU A 116 18.03 -9.19 -8.38
C GLU A 116 18.06 -8.35 -7.11
N VAL A 117 17.62 -8.96 -6.01
CA VAL A 117 17.70 -8.34 -4.69
C VAL A 117 19.16 -8.31 -4.27
N ARG A 118 19.65 -7.13 -3.89
CA ARG A 118 21.06 -6.92 -3.56
C ARG A 118 21.18 -6.21 -2.22
N ARG A 119 21.39 -6.97 -1.17
CA ARG A 119 21.43 -6.46 0.21
C ARG A 119 22.83 -5.98 0.54
N GLY A 120 22.94 -4.88 1.32
CA GLY A 120 24.20 -4.26 1.66
C GLY A 120 24.59 -3.10 0.77
N TYR A 121 23.84 -2.86 -0.30
CA TYR A 121 24.05 -1.70 -1.16
C TYR A 121 23.25 -0.53 -0.64
N GLU A 122 23.91 0.61 -0.45
CA GLU A 122 23.28 1.79 0.14
C GLU A 122 23.37 2.97 -0.81
N VAL A 123 22.22 3.49 -1.22
CA VAL A 123 22.20 4.65 -2.11
C VAL A 123 22.77 5.85 -1.39
N THR A 124 23.81 6.46 -1.97
CA THR A 124 24.34 7.71 -1.47
C THR A 124 24.07 8.88 -2.42
N ALA A 125 23.99 8.63 -3.72
CA ALA A 125 23.78 9.80 -4.60
C ALA A 125 23.00 9.41 -5.87
N ILE A 126 22.61 10.44 -6.63
CA ILE A 126 21.85 10.25 -7.86
C ILE A 126 22.12 11.42 -8.79
N GLU A 127 22.11 11.15 -10.09
CA GLU A 127 22.14 12.19 -11.10
C GLU A 127 21.23 11.76 -12.26
N ASP A 128 20.41 12.70 -12.69
CA ASP A 128 19.28 12.45 -13.58
C ASP A 128 19.52 13.16 -14.91
N THR A 129 19.74 12.40 -15.98
CA THR A 129 19.91 12.97 -17.31
C THR A 129 18.76 12.59 -18.22
N GLY A 130 18.65 13.35 -19.31
CA GLY A 130 17.56 13.26 -20.24
C GLY A 130 17.25 11.86 -20.73
N THR A 131 18.24 10.96 -20.69
CA THR A 131 17.99 9.60 -21.11
C THR A 131 18.25 8.55 -20.04
N SER A 132 18.75 8.91 -18.86
CA SER A 132 19.01 7.86 -17.88
C SER A 132 19.17 8.46 -16.49
N VAL A 133 19.51 7.60 -15.55
CA VAL A 133 19.82 7.98 -14.17
C VAL A 133 21.03 7.17 -13.76
N THR A 134 22.03 7.83 -13.19
CA THR A 134 23.20 7.17 -12.65
C THR A 134 23.19 7.39 -11.14
N VAL A 135 23.16 6.30 -10.38
CA VAL A 135 23.09 6.35 -8.93
C VAL A 135 24.43 5.91 -8.35
N GLU A 136 24.64 6.31 -7.11
CA GLU A 136 25.89 6.10 -6.39
C GLU A 136 25.53 5.30 -5.14
N ALA A 137 25.86 4.00 -5.16
CA ALA A 137 25.50 3.06 -4.10
C ALA A 137 26.75 2.46 -3.48
N ALA A 138 26.79 2.45 -2.15
CA ALA A 138 27.92 1.92 -1.40
C ALA A 138 27.73 0.40 -1.25
N GLY A 139 28.39 -0.36 -2.13
CA GLY A 139 28.36 -1.80 -1.99
C GLY A 139 29.11 -2.24 -0.74
N ALA A 140 28.93 -3.50 -0.39
CA ALA A 140 29.76 -4.01 0.69
C ALA A 140 31.20 -4.16 0.23
N ASP A 141 31.40 -4.62 -1.01
CA ASP A 141 32.73 -4.97 -1.50
C ASP A 141 33.54 -3.72 -1.83
N GLY A 142 33.12 -2.99 -2.85
CA GLY A 142 33.73 -1.73 -3.19
C GLY A 142 33.12 -0.67 -2.30
N SER A 143 33.90 0.37 -2.00
CA SER A 143 33.35 1.44 -1.17
C SER A 143 32.23 2.13 -1.93
N PRO A 144 32.47 2.72 -3.12
CA PRO A 144 31.37 3.12 -3.95
C PRO A 144 31.24 2.09 -5.07
N LEU A 145 30.11 2.18 -5.76
CA LEU A 145 29.83 1.48 -7.00
C LEU A 145 28.72 2.28 -7.64
N SER A 146 28.91 2.67 -8.90
CA SER A 146 27.95 3.55 -9.57
C SER A 146 27.20 2.74 -10.61
N LEU A 147 25.87 2.85 -10.56
CA LEU A 147 24.93 2.06 -11.36
C LEU A 147 24.20 2.97 -12.33
N ARG A 148 23.62 2.37 -13.36
CA ARG A 148 22.93 3.13 -14.39
C ARG A 148 21.64 2.44 -14.80
N ALA A 149 20.54 3.23 -14.85
CA ALA A 149 19.27 2.63 -15.28
C ALA A 149 18.42 3.71 -15.93
N ARG A 150 17.46 3.17 -16.62
CA ARG A 150 16.54 4.11 -17.24
C ARG A 150 15.69 4.81 -16.19
N TYR A 151 15.39 4.13 -15.08
CA TYR A 151 14.61 4.73 -14.02
C TYR A 151 15.09 4.25 -12.67
N VAL A 152 14.95 5.14 -11.69
CA VAL A 152 15.18 4.82 -10.30
C VAL A 152 13.89 5.09 -9.55
N VAL A 153 13.46 4.13 -8.74
CA VAL A 153 12.26 4.28 -7.94
C VAL A 153 12.66 4.22 -6.48
N GLY A 154 12.32 5.24 -5.75
CA GLY A 154 12.53 5.28 -4.33
C GLY A 154 11.42 4.58 -3.57
N CYS A 155 11.77 3.43 -3.09
CA CYS A 155 10.90 2.70 -2.19
C CYS A 155 11.59 2.53 -0.85
N ASP A 156 12.48 3.45 -0.51
CA ASP A 156 13.12 3.49 0.79
C ASP A 156 12.14 4.14 1.78
N GLY A 157 12.62 4.40 2.98
CA GLY A 157 11.75 4.73 4.09
C GLY A 157 11.18 6.14 4.09
N ALA A 158 10.61 6.49 5.25
CA ALA A 158 10.14 7.85 5.50
C ALA A 158 11.31 8.82 5.55
N ARG A 159 12.42 8.40 6.15
CA ARG A 159 13.68 9.09 5.96
C ARG A 159 14.19 8.57 4.62
N SER A 160 13.60 9.10 3.55
CA SER A 160 13.98 8.67 2.22
C SER A 160 15.30 9.35 1.86
N SER A 161 16.08 8.68 1.03
CA SER A 161 17.35 9.23 0.59
C SER A 161 17.33 9.69 -0.85
N VAL A 162 16.59 9.01 -1.73
CA VAL A 162 16.44 9.52 -3.09
C VAL A 162 15.62 10.80 -3.06
N ARG A 163 14.64 10.89 -2.17
CA ARG A 163 13.86 12.11 -2.04
C ARG A 163 14.69 13.38 -1.95
N LYS A 164 15.68 13.40 -1.05
CA LYS A 164 16.40 14.65 -0.81
C LYS A 164 17.32 15.00 -1.97
N LEU A 165 18.16 14.09 -2.41
CA LEU A 165 19.06 14.46 -3.51
C LEU A 165 18.29 14.56 -4.81
N ALA A 166 17.26 13.76 -5.01
CA ALA A 166 16.44 13.91 -6.20
C ALA A 166 15.73 15.25 -6.27
N GLY A 167 15.62 15.97 -5.12
CA GLY A 167 15.06 17.30 -5.10
C GLY A 167 13.59 17.38 -4.75
N ILE A 168 13.00 16.29 -4.29
CA ILE A 168 11.58 16.25 -3.99
C ILE A 168 11.26 17.16 -2.81
N ASP A 169 10.18 17.95 -2.92
CA ASP A 169 9.66 18.76 -1.83
C ASP A 169 8.60 17.97 -1.08
N PHE A 170 8.74 17.91 0.25
CA PHE A 170 8.04 16.95 1.10
C PHE A 170 7.37 17.69 2.25
N PRO A 171 6.29 18.43 1.98
CA PRO A 171 5.64 19.21 3.03
C PRO A 171 4.54 18.44 3.76
N GLY A 172 4.19 18.94 4.94
CA GLY A 172 3.15 18.29 5.69
C GLY A 172 2.74 19.02 6.96
N THR A 173 2.17 18.23 7.86
CA THR A 173 1.41 18.72 9.00
C THR A 173 2.30 18.86 10.22
N GLU A 174 2.10 19.94 10.97
CA GLU A 174 2.81 20.10 12.24
C GLU A 174 2.39 18.98 13.19
N PRO A 175 3.32 18.42 13.97
CA PRO A 175 2.96 17.34 14.90
C PRO A 175 2.17 17.83 16.10
N ALA A 176 1.23 16.99 16.53
CA ALA A 176 0.41 17.30 17.70
C ALA A 176 0.48 16.27 18.82
N ILE A 177 0.77 15.01 18.51
CA ILE A 177 0.77 13.96 19.52
C ILE A 177 2.00 13.09 19.29
N GLU A 178 2.53 12.53 20.38
CA GLU A 178 3.64 11.59 20.28
C GLU A 178 3.21 10.21 20.74
N LEU A 179 3.55 9.21 19.91
CA LEU A 179 3.19 7.81 20.04
C LEU A 179 4.47 6.98 20.10
N ARG A 180 4.49 5.93 20.91
CA ARG A 180 5.66 5.08 21.04
C ARG A 180 5.23 3.62 20.99
N PHE A 181 6.04 2.82 20.32
CA PHE A 181 5.73 1.42 20.12
C PHE A 181 6.81 0.54 20.73
N ALA A 182 6.37 -0.62 21.19
CA ALA A 182 7.33 -1.60 21.63
C ALA A 182 6.68 -2.98 21.56
N ASP A 183 7.48 -3.97 21.24
CA ASP A 183 7.14 -5.35 21.54
C ASP A 183 7.88 -5.64 22.85
N VAL A 184 7.17 -5.50 23.96
CA VAL A 184 7.75 -5.72 25.28
C VAL A 184 7.65 -7.20 25.61
N ALA A 185 8.80 -7.84 25.81
CA ALA A 185 8.86 -9.26 26.05
C ALA A 185 9.34 -9.59 27.44
N GLY A 186 9.88 -8.67 28.18
CA GLY A 186 10.59 -8.95 29.41
C GLY A 186 9.71 -8.97 30.63
N VAL A 187 10.08 -8.21 31.65
CA VAL A 187 9.21 -8.23 32.84
C VAL A 187 7.81 -7.80 32.35
N GLN A 188 6.86 -8.69 32.43
CA GLN A 188 5.56 -8.28 31.86
C GLN A 188 4.88 -7.16 32.66
N LEU A 189 3.91 -6.53 32.03
CA LEU A 189 3.12 -5.52 32.72
C LEU A 189 1.88 -6.17 33.35
N ARG A 190 1.37 -5.51 34.38
CA ARG A 190 0.17 -5.95 35.09
C ARG A 190 -0.79 -4.77 35.02
N PRO A 191 -1.51 -4.58 33.92
CA PRO A 191 -2.32 -3.41 33.77
C PRO A 191 -3.76 -3.47 34.22
N ARG A 192 -4.14 -2.41 34.91
CA ARG A 192 -5.57 -2.25 35.17
C ARG A 192 -6.16 -1.01 34.50
N PHE A 193 -5.41 0.10 34.38
CA PHE A 193 -5.81 1.23 33.54
C PHE A 193 -5.24 1.04 32.15
N SER A 194 -5.81 0.11 31.38
CA SER A 194 -5.12 -0.29 30.16
C SER A 194 -5.72 0.31 28.89
N GLY A 195 -6.71 1.22 29.02
CA GLY A 195 -7.20 1.86 27.81
C GLY A 195 -7.70 3.27 28.05
N GLU A 196 -7.37 3.84 29.22
CA GLU A 196 -8.05 5.06 29.63
C GLU A 196 -7.32 6.29 29.12
N ARG A 197 -8.11 7.32 28.79
CA ARG A 197 -7.59 8.63 28.39
C ARG A 197 -7.49 9.45 29.68
N VAL A 198 -6.45 9.15 30.46
CA VAL A 198 -6.23 9.82 31.73
C VAL A 198 -5.52 11.13 31.40
N PRO A 199 -5.43 12.09 32.30
CA PRO A 199 -4.66 13.30 31.99
C PRO A 199 -3.17 12.98 32.02
N GLY A 200 -2.46 13.54 31.05
CA GLY A 200 -1.09 13.19 30.78
C GLY A 200 -0.94 12.38 29.51
N GLY A 201 -1.90 11.52 29.22
CA GLY A 201 -1.84 10.73 28.00
C GLY A 201 -2.53 9.40 28.22
N MET A 202 -2.10 8.42 27.43
CA MET A 202 -2.85 7.18 27.31
C MET A 202 -1.91 6.02 27.01
N VAL A 203 -2.47 4.83 27.44
CA VAL A 203 -1.73 3.59 27.39
C VAL A 203 -2.64 2.52 26.82
N MET A 204 -2.03 1.70 25.89
CA MET A 204 -2.79 0.59 25.34
C MET A 204 -1.86 -0.60 25.20
N VAL A 205 -2.41 -1.79 25.41
CA VAL A 205 -1.62 -3.01 25.40
C VAL A 205 -2.42 -4.13 24.78
N LEU A 206 -1.83 -4.83 23.81
CA LEU A 206 -2.51 -5.96 23.18
C LEU A 206 -1.50 -7.09 23.04
N PRO A 207 -1.81 -8.31 23.47
CA PRO A 207 -0.82 -9.40 23.41
C PRO A 207 -0.75 -10.07 22.06
N MET A 208 0.46 -10.49 21.68
CA MET A 208 0.72 -11.16 20.41
C MET A 208 1.43 -12.49 20.52
N GLY A 209 2.18 -12.72 21.60
CA GLY A 209 2.67 -14.02 21.96
C GLY A 209 2.43 -14.17 23.44
N PRO A 210 2.66 -15.36 24.01
CA PRO A 210 2.52 -15.44 25.47
C PRO A 210 3.64 -14.73 26.17
N ASP A 211 4.84 -14.77 25.59
CA ASP A 211 5.94 -13.96 26.10
C ASP A 211 5.72 -12.48 25.84
N ARG A 212 5.54 -12.13 24.57
CA ARG A 212 5.58 -10.74 24.14
C ARG A 212 4.19 -10.12 24.11
N CYS A 213 4.13 -8.87 24.56
CA CYS A 213 2.94 -8.04 24.51
C CYS A 213 3.30 -6.78 23.73
N ARG A 214 2.27 -6.18 23.08
CA ARG A 214 2.45 -4.96 22.24
C ARG A 214 2.07 -3.71 23.04
N VAL A 215 3.05 -2.86 23.27
CA VAL A 215 2.83 -1.62 24.01
C VAL A 215 2.67 -0.49 23.01
N ILE A 216 1.48 0.10 23.02
CA ILE A 216 1.16 1.34 22.33
C ILE A 216 1.09 2.39 23.41
N TYR A 217 1.82 3.46 23.15
CA TYR A 217 1.94 4.33 24.28
C TYR A 217 2.08 5.76 23.81
N PHE A 218 1.01 6.56 23.97
CA PHE A 218 1.06 7.96 23.47
C PHE A 218 0.85 8.88 24.67
N ASP A 219 1.40 10.09 24.60
CA ASP A 219 1.21 10.97 25.77
C ASP A 219 0.66 12.32 25.32
N SER A 220 -0.17 12.89 26.19
CA SER A 220 -0.89 14.13 25.91
C SER A 220 0.06 15.29 26.16
N SER A 221 0.93 15.55 25.19
CA SER A 221 1.91 16.60 25.35
C SER A 221 2.17 17.26 24.00
N GLN A 222 3.11 18.19 23.99
CA GLN A 222 3.60 18.84 22.79
C GLN A 222 4.97 18.26 22.49
N PRO A 223 5.14 17.51 21.40
CA PRO A 223 6.41 16.82 21.16
C PRO A 223 7.57 17.80 21.01
N LEU A 224 8.79 17.24 21.01
CA LEU A 224 9.98 18.06 20.87
C LEU A 224 10.92 17.51 19.80
N ARG A 225 10.88 16.19 19.61
N ARG A 225 10.86 16.21 19.54
CA ARG A 225 11.65 15.51 18.56
CA ARG A 225 11.72 15.63 18.51
C ARG A 225 10.63 15.09 17.49
C ARG A 225 10.80 15.06 17.42
N THR A 226 10.44 15.96 16.50
CA THR A 226 9.41 15.71 15.49
C THR A 226 9.71 14.49 14.63
N ALA A 227 10.97 14.24 14.34
CA ALA A 227 11.31 13.11 13.49
C ALA A 227 10.99 11.81 14.21
N PRO A 228 10.26 10.92 13.58
CA PRO A 228 9.98 9.60 14.19
C PRO A 228 11.20 8.70 14.09
N GLU A 229 11.74 8.32 15.26
CA GLU A 229 13.02 7.64 15.32
C GLU A 229 12.99 6.49 16.32
N ALA A 230 14.04 5.67 16.28
CA ALA A 230 14.17 4.55 17.20
C ALA A 230 14.71 5.00 18.56
N ILE A 231 14.19 4.41 19.63
CA ILE A 231 14.58 4.79 20.98
C ILE A 231 14.89 3.53 21.77
N THR A 232 15.45 3.69 22.97
CA THR A 232 15.54 2.65 23.98
C THR A 232 14.28 2.62 24.85
N PHE A 233 14.15 1.59 25.70
CA PHE A 233 13.05 1.31 26.63
C PHE A 233 12.98 2.36 27.75
N GLU A 234 14.03 3.16 27.86
CA GLU A 234 14.03 4.18 28.90
C GLU A 234 12.79 5.07 28.81
N GLU A 235 12.57 5.66 27.62
CA GLU A 235 11.51 6.65 27.48
C GLU A 235 10.13 6.02 27.62
N VAL A 236 9.91 4.88 26.98
CA VAL A 236 8.58 4.28 27.05
C VAL A 236 8.25 3.89 28.49
N ALA A 237 9.23 3.35 29.23
CA ALA A 237 8.92 2.97 30.60
C ALA A 237 8.70 4.19 31.48
N ASP A 238 9.57 5.20 31.37
CA ASP A 238 9.44 6.32 32.29
C ASP A 238 8.19 7.12 31.98
N SER A 239 7.83 7.27 30.71
CA SER A 239 6.60 7.99 30.37
C SER A 239 5.37 7.18 30.78
N TRP A 240 5.41 5.86 30.61
CA TRP A 240 4.35 5.01 31.15
C TRP A 240 4.09 5.31 32.61
N GLN A 241 5.13 5.31 33.43
CA GLN A 241 4.87 5.63 34.84
C GLN A 241 4.52 7.09 35.00
N ARG A 242 4.92 7.93 34.05
CA ARG A 242 4.54 9.33 34.02
C ARG A 242 3.03 9.52 33.85
N LEU A 243 2.35 8.54 33.26
CA LEU A 243 0.90 8.62 33.17
C LEU A 243 0.19 7.74 34.16
N THR A 244 0.65 6.52 34.35
CA THR A 244 -0.11 5.53 35.09
C THR A 244 0.38 5.38 36.52
N GLY A 245 1.60 5.83 36.81
CA GLY A 245 2.21 5.52 38.08
C GLY A 245 2.59 4.07 38.22
N GLU A 246 2.47 3.30 37.15
CA GLU A 246 2.95 1.92 37.09
C GLU A 246 4.34 1.93 36.50
N ASP A 247 5.23 1.18 37.13
CA ASP A 247 6.59 1.04 36.63
C ASP A 247 6.70 -0.26 35.86
N ILE A 248 7.12 -0.14 34.60
CA ILE A 248 7.38 -1.28 33.73
C ILE A 248 8.84 -1.29 33.32
N SER A 249 9.69 -0.61 34.11
CA SER A 249 11.08 -0.35 33.74
C SER A 249 11.93 -1.61 33.72
N GLY A 250 11.54 -2.65 34.47
CA GLY A 250 12.36 -3.84 34.53
C GLY A 250 12.33 -4.72 33.29
N ALA A 251 11.51 -4.37 32.31
CA ALA A 251 11.34 -5.29 31.18
C ALA A 251 12.42 -5.08 30.14
N THR A 252 12.39 -5.89 29.12
CA THR A 252 13.32 -5.95 28.01
C THR A 252 12.58 -5.91 26.68
N PRO A 253 12.70 -4.90 25.89
CA PRO A 253 12.06 -4.85 24.58
C PRO A 253 12.80 -5.47 23.41
N LEU A 254 12.02 -5.91 22.42
CA LEU A 254 12.60 -6.31 21.14
C LEU A 254 13.18 -5.10 20.43
N TRP A 255 12.42 -4.01 20.43
CA TRP A 255 12.72 -2.71 19.85
C TRP A 255 11.66 -1.77 20.36
N VAL A 256 12.02 -0.49 20.49
CA VAL A 256 11.05 0.54 20.78
C VAL A 256 11.29 1.72 19.85
N SER A 257 10.19 2.36 19.48
CA SER A 257 10.30 3.47 18.56
C SER A 257 9.37 4.60 18.98
N SER A 258 9.76 5.82 18.67
CA SER A 258 8.94 6.99 18.90
C SER A 258 8.55 7.55 17.54
N ALA A 259 7.26 7.96 17.48
CA ALA A 259 6.71 8.54 16.27
C ALA A 259 5.79 9.66 16.70
N THR A 260 5.48 10.54 15.72
CA THR A 260 4.59 11.65 15.95
C THR A 260 3.44 11.52 14.97
N ASP A 261 2.43 12.37 15.12
CA ASP A 261 1.34 12.35 14.16
C ASP A 261 1.63 13.30 12.99
N VAL A 262 2.88 13.55 12.79
CA VAL A 262 3.25 14.24 11.56
C VAL A 262 2.71 13.46 10.38
N SER A 263 2.05 14.18 9.46
CA SER A 263 1.64 13.65 8.16
C SER A 263 2.29 14.51 7.08
N ARG A 264 3.08 13.89 6.23
CA ARG A 264 3.74 14.59 5.13
C ARG A 264 3.45 13.87 3.84
N GLN A 265 3.53 14.62 2.74
CA GLN A 265 3.36 14.00 1.43
C GLN A 265 4.06 14.88 0.40
N ALA A 266 4.90 14.24 -0.42
CA ALA A 266 5.61 14.95 -1.47
C ALA A 266 4.61 15.56 -2.46
N ALA A 267 5.00 16.72 -3.01
CA ALA A 267 4.12 17.42 -3.94
C ALA A 267 4.02 16.70 -5.29
N GLN A 268 5.10 16.04 -5.72
CA GLN A 268 5.14 15.32 -6.98
C GLN A 268 5.64 13.91 -6.75
N TYR A 269 4.89 12.93 -7.27
CA TYR A 269 5.36 11.55 -7.23
C TYR A 269 6.39 11.26 -8.31
N ARG A 270 6.48 12.12 -9.31
CA ARG A 270 7.47 11.98 -10.37
C ARG A 270 8.22 13.28 -10.52
N LYS A 271 9.55 13.20 -10.53
CA LYS A 271 10.42 14.34 -10.76
C LYS A 271 11.45 13.86 -11.78
N GLY A 272 11.15 14.07 -13.06
CA GLY A 272 11.99 13.51 -14.10
C GLY A 272 11.86 12.00 -14.17
N ARG A 273 12.96 11.30 -13.88
CA ARG A 273 12.97 9.84 -13.91
C ARG A 273 13.20 9.25 -12.53
N VAL A 274 12.96 10.02 -11.49
CA VAL A 274 13.11 9.56 -10.13
C VAL A 274 11.74 9.52 -9.49
N PHE A 275 11.46 8.45 -8.76
CA PHE A 275 10.13 8.19 -8.24
C PHE A 275 10.14 7.92 -6.75
N LEU A 276 8.95 8.02 -6.18
CA LEU A 276 8.72 7.70 -4.78
C LEU A 276 7.47 6.84 -4.70
N ALA A 277 7.60 5.71 -4.01
CA ALA A 277 6.48 4.81 -3.75
C ALA A 277 6.50 4.46 -2.28
N GLY A 278 5.33 4.33 -1.70
CA GLY A 278 5.24 3.91 -0.31
C GLY A 278 5.55 5.05 0.65
N ASP A 279 6.25 4.69 1.73
CA ASP A 279 6.58 5.67 2.76
C ASP A 279 7.61 6.68 2.29
N ALA A 280 8.19 6.51 1.11
CA ALA A 280 9.03 7.55 0.57
C ALA A 280 8.22 8.74 0.10
N ALA A 281 6.96 8.51 -0.26
CA ALA A 281 6.05 9.52 -0.80
C ALA A 281 5.18 10.17 0.26
N HIS A 282 4.75 9.40 1.26
CA HIS A 282 3.84 9.91 2.28
C HIS A 282 4.13 9.21 3.59
N ILE A 283 3.90 9.93 4.69
CA ILE A 283 4.08 9.38 6.03
C ILE A 283 2.98 9.94 6.92
N HIS A 284 2.75 9.24 8.02
CA HIS A 284 1.68 9.58 8.95
C HIS A 284 1.94 8.82 10.23
N LEU A 285 1.01 8.94 11.17
CA LEU A 285 1.02 8.16 12.40
C LEU A 285 0.80 6.68 12.08
N PRO A 286 1.74 5.82 12.37
CA PRO A 286 1.66 4.41 11.93
C PRO A 286 0.89 3.49 12.86
N ILE A 287 -0.30 3.09 12.43
CA ILE A 287 -1.03 1.97 13.04
C ILE A 287 -2.11 1.53 12.07
N GLY A 288 -2.53 0.28 12.19
CA GLY A 288 -3.56 -0.28 11.32
C GLY A 288 -3.02 -0.90 10.06
N ALA A 289 -1.70 -0.90 9.88
CA ALA A 289 -1.04 -1.40 8.67
C ALA A 289 -1.32 -0.52 7.47
N GLN A 290 -1.62 0.77 7.70
CA GLN A 290 -1.99 1.62 6.58
C GLN A 290 -0.79 1.99 5.73
N GLY A 291 0.39 2.11 6.37
CA GLY A 291 1.57 2.48 5.60
C GLY A 291 2.01 1.38 4.66
N MET A 292 2.12 0.16 5.17
CA MET A 292 2.50 -0.96 4.33
C MET A 292 1.44 -1.24 3.28
N SER A 293 0.17 -1.15 3.64
CA SER A 293 -0.90 -1.38 2.69
C SER A 293 -0.91 -0.31 1.60
N ALA A 294 -0.77 0.95 2.00
CA ALA A 294 -0.77 2.05 1.05
C ALA A 294 0.45 1.97 0.14
N GLY A 295 1.57 1.57 0.68
CA GLY A 295 2.75 1.43 -0.16
C GLY A 295 2.66 0.28 -1.13
N VAL A 296 2.12 -0.80 -0.69
CA VAL A 296 1.97 -1.93 -1.58
C VAL A 296 0.98 -1.60 -2.70
N GLN A 297 -0.03 -0.79 -2.40
CA GLN A 297 -0.95 -0.41 -3.47
C GLN A 297 -0.33 0.64 -4.39
N ASP A 298 0.41 1.60 -3.84
CA ASP A 298 1.22 2.50 -4.65
C ASP A 298 2.02 1.69 -5.65
N ALA A 299 2.78 0.74 -5.12
CA ALA A 299 3.70 -0.03 -5.93
C ALA A 299 2.95 -0.83 -6.99
N VAL A 300 1.82 -1.31 -6.66
CA VAL A 300 1.07 -2.07 -7.66
C VAL A 300 0.59 -1.16 -8.78
N ASN A 301 0.05 0.01 -8.43
CA ASN A 301 -0.41 0.95 -9.45
C ASN A 301 0.76 1.36 -10.34
N LEU A 302 1.93 1.50 -9.74
CA LEU A 302 3.11 1.97 -10.48
C LEU A 302 3.70 0.89 -11.37
N GLY A 303 3.76 -0.34 -10.86
CA GLY A 303 4.47 -1.44 -11.46
C GLY A 303 4.28 -1.69 -12.93
N TRP A 304 3.05 -2.00 -13.35
CA TRP A 304 2.85 -2.34 -14.75
C TRP A 304 3.04 -1.12 -15.66
N LYS A 305 2.72 0.07 -15.16
CA LYS A 305 2.94 1.31 -15.91
C LYS A 305 4.41 1.49 -16.22
N LEU A 306 5.22 1.58 -15.16
CA LEU A 306 6.70 1.76 -15.31
C LEU A 306 7.30 0.55 -16.03
N ALA A 307 6.61 -0.59 -15.98
CA ALA A 307 7.11 -1.83 -16.61
C ALA A 307 7.08 -1.68 -18.13
N LEU A 308 5.87 -1.50 -18.68
CA LEU A 308 5.86 -1.41 -20.13
C LEU A 308 6.26 -0.03 -20.60
N ASP A 309 6.43 0.96 -19.70
CA ASP A 309 7.09 2.20 -20.09
C ASP A 309 8.48 1.94 -20.61
N ILE A 310 9.16 0.96 -20.03
CA ILE A 310 10.53 0.64 -20.41
C ILE A 310 10.58 -0.09 -21.75
N SER A 311 9.68 -1.05 -21.92
CA SER A 311 9.52 -1.68 -23.21
C SER A 311 8.79 -0.69 -24.11
N GLY A 312 8.45 -1.14 -25.31
CA GLY A 312 7.56 -0.36 -26.14
C GLY A 312 6.17 -0.34 -25.53
N ARG A 313 5.23 0.19 -26.32
CA ARG A 313 3.83 0.22 -25.94
C ARG A 313 3.63 1.03 -24.64
N ALA A 314 4.21 2.20 -24.70
CA ALA A 314 4.15 3.15 -23.59
C ALA A 314 3.45 4.41 -24.08
N PRO A 315 2.24 4.61 -23.70
CA PRO A 315 1.49 5.75 -24.25
C PRO A 315 1.89 7.09 -23.63
N GLN A 316 1.17 8.13 -24.06
CA GLN A 316 1.43 9.51 -23.65
C GLN A 316 1.27 9.68 -22.15
N GLY A 317 0.06 9.42 -21.63
CA GLY A 317 -0.31 9.85 -20.29
C GLY A 317 0.35 9.05 -19.19
N LEU A 318 0.69 7.80 -19.47
CA LEU A 318 1.20 6.89 -18.46
C LEU A 318 2.53 7.34 -17.88
N LEU A 319 2.77 6.97 -16.62
CA LEU A 319 3.90 7.32 -15.76
C LEU A 319 3.72 8.75 -15.25
N ASP A 320 2.66 9.43 -15.65
CA ASP A 320 2.20 10.62 -14.98
C ASP A 320 0.84 10.31 -14.37
N THR A 321 0.23 9.19 -14.74
CA THR A 321 -1.00 8.74 -14.11
C THR A 321 -0.75 8.13 -12.72
N TYR A 322 0.50 7.76 -12.41
CA TYR A 322 0.83 7.28 -11.07
C TYR A 322 0.64 8.39 -10.04
N HIS A 323 1.27 9.54 -10.30
CA HIS A 323 1.02 10.73 -9.49
C HIS A 323 -0.46 11.08 -9.50
N SER A 324 -1.05 11.12 -10.70
CA SER A 324 -2.43 11.58 -10.87
C SER A 324 -3.43 10.69 -10.14
N GLU A 325 -3.07 9.42 -9.89
CA GLU A 325 -3.98 8.46 -9.28
C GLU A 325 -3.66 8.12 -7.83
N ARG A 326 -2.43 8.37 -7.37
CA ARG A 326 -2.07 8.03 -6.02
C ARG A 326 -1.77 9.23 -5.13
N HIS A 327 -1.56 10.41 -5.69
CA HIS A 327 -1.34 11.55 -4.82
C HIS A 327 -2.61 11.97 -4.10
N PRO A 328 -3.77 12.01 -4.76
CA PRO A 328 -5.00 12.28 -4.00
C PRO A 328 -5.26 11.20 -2.97
N VAL A 329 -5.04 9.93 -3.31
CA VAL A 329 -5.17 8.85 -2.35
C VAL A 329 -4.27 9.12 -1.15
N GLY A 330 -3.07 9.62 -1.39
CA GLY A 330 -2.18 9.92 -0.29
C GLY A 330 -2.72 11.04 0.58
N GLN A 331 -2.92 12.22 -0.03
CA GLN A 331 -3.41 13.35 0.75
C GLN A 331 -4.77 13.08 1.37
N ARG A 332 -5.41 11.97 1.01
CA ARG A 332 -6.66 11.56 1.63
C ARG A 332 -6.44 10.64 2.82
N ILE A 333 -5.49 9.69 2.73
CA ILE A 333 -5.28 8.83 3.90
C ILE A 333 -4.61 9.62 5.01
N LEU A 334 -3.77 10.61 4.66
CA LEU A 334 -3.22 11.45 5.73
C LEU A 334 -4.35 12.18 6.45
N THR A 335 -5.34 12.68 5.70
CA THR A 335 -6.48 13.37 6.30
C THR A 335 -7.29 12.43 7.18
N ASN A 336 -7.51 11.20 6.72
CA ASN A 336 -8.34 10.28 7.49
C ASN A 336 -7.64 9.74 8.72
N THR A 337 -6.33 9.49 8.65
CA THR A 337 -5.63 9.06 9.85
C THR A 337 -5.54 10.19 10.87
N LEU A 338 -5.26 11.42 10.40
CA LEU A 338 -5.40 12.60 11.26
C LEU A 338 -6.76 12.58 11.94
N ALA A 339 -7.82 12.34 11.16
CA ALA A 339 -9.18 12.40 11.70
C ALA A 339 -9.40 11.33 12.77
N GLN A 340 -9.14 10.07 12.42
CA GLN A 340 -9.27 8.97 13.36
C GLN A 340 -8.55 9.28 14.66
N ARG A 341 -7.29 9.71 14.57
CA ARG A 341 -6.51 9.83 15.79
C ARG A 341 -6.84 11.08 16.58
N ILE A 342 -7.38 12.11 15.93
CA ILE A 342 -7.94 13.20 16.71
C ILE A 342 -9.11 12.69 17.55
N LEU A 343 -9.97 11.90 16.93
CA LEU A 343 -11.19 11.43 17.54
C LEU A 343 -10.94 10.27 18.49
N TYR A 344 -9.74 9.72 18.47
CA TYR A 344 -9.40 8.56 19.27
C TYR A 344 -8.43 8.89 20.40
N LEU A 345 -7.31 9.54 20.08
CA LEU A 345 -6.30 9.87 21.08
C LEU A 345 -6.63 11.10 21.90
N GLY A 346 -7.45 11.99 21.33
CA GLY A 346 -7.82 13.28 21.98
C GLY A 346 -8.50 13.10 23.33
N GLY A 347 -8.51 14.16 24.15
CA GLY A 347 -9.15 14.07 25.44
C GLY A 347 -10.62 14.46 25.42
N ASP A 348 -10.97 15.34 26.34
CA ASP A 348 -12.35 15.80 26.61
C ASP A 348 -12.94 16.72 25.52
N GLU A 349 -12.21 17.01 24.44
CA GLU A 349 -12.70 17.92 23.42
C GLU A 349 -13.31 17.03 22.36
N ILE A 350 -12.78 15.81 22.21
CA ILE A 350 -13.25 14.89 21.20
C ILE A 350 -14.21 13.87 21.83
N THR A 351 -14.54 14.00 23.14
CA THR A 351 -15.60 13.08 23.64
C THR A 351 -16.85 13.21 22.76
N PRO A 352 -17.34 14.42 22.41
CA PRO A 352 -18.54 14.57 21.55
C PRO A 352 -18.33 13.91 20.21
N MET A 353 -17.07 13.92 19.80
CA MET A 353 -16.79 13.30 18.50
C MET A 353 -17.09 11.80 18.53
N ARG A 354 -16.56 11.13 19.52
CA ARG A 354 -16.78 9.68 19.64
C ARG A 354 -18.27 9.45 19.76
N GLU A 355 -18.96 10.30 20.51
CA GLU A 355 -20.40 10.13 20.66
C GLU A 355 -21.08 10.24 19.30
N VAL A 356 -20.78 11.31 18.57
CA VAL A 356 -21.53 11.58 17.34
C VAL A 356 -21.29 10.48 16.33
N LEU A 357 -20.03 10.10 16.12
CA LEU A 357 -19.77 9.03 15.17
C LEU A 357 -20.37 7.72 15.66
N ALA A 358 -20.28 7.40 16.95
CA ALA A 358 -20.97 6.23 17.47
C ALA A 358 -22.44 6.22 17.05
N GLU A 359 -23.07 7.40 17.08
CA GLU A 359 -24.45 7.49 16.66
C GLU A 359 -24.60 7.31 15.15
N LEU A 360 -23.72 7.95 14.38
CA LEU A 360 -23.77 7.86 12.93
C LEU A 360 -23.51 6.45 12.42
N MET A 361 -22.69 5.67 13.13
CA MET A 361 -22.42 4.27 12.75
C MET A 361 -23.64 3.38 12.93
N GLY A 362 -24.66 3.83 13.65
CA GLY A 362 -25.91 3.09 13.66
C GLY A 362 -26.43 2.92 12.25
N SER A 363 -26.21 3.90 11.42
CA SER A 363 -26.63 3.85 10.03
C SER A 363 -25.60 3.14 9.18
N HIS A 364 -26.09 2.29 8.26
CA HIS A 364 -25.16 1.50 7.46
C HIS A 364 -24.63 2.22 6.23
N VAL A 365 -25.23 3.30 5.82
CA VAL A 365 -24.58 4.11 4.82
C VAL A 365 -23.29 4.69 5.39
N SER A 366 -23.34 5.16 6.65
CA SER A 366 -22.12 5.61 7.31
C SER A 366 -21.15 4.46 7.53
N VAL A 367 -21.71 3.27 7.84
CA VAL A 367 -20.86 2.09 7.99
C VAL A 367 -20.06 1.96 6.71
N GLN A 368 -20.70 1.70 5.59
CA GLN A 368 -19.99 1.50 4.32
C GLN A 368 -19.06 2.64 3.95
N ARG A 369 -19.44 3.87 4.27
CA ARG A 369 -18.58 5.02 3.98
C ARG A 369 -17.24 4.91 4.72
N HIS A 370 -17.30 4.69 6.03
CA HIS A 370 -16.07 4.57 6.82
C HIS A 370 -15.32 3.28 6.49
N LEU A 371 -16.13 2.32 6.06
CA LEU A 371 -15.61 1.01 5.62
C LEU A 371 -14.61 1.26 4.52
N ALA A 372 -15.11 1.91 3.46
CA ALA A 372 -14.33 2.16 2.27
C ALA A 372 -13.21 3.14 2.59
N GLY A 373 -13.41 4.03 3.54
CA GLY A 373 -12.36 4.96 3.92
C GLY A 373 -11.12 4.27 4.45
N MET A 374 -11.31 3.35 5.42
CA MET A 374 -10.15 2.70 6.09
C MET A 374 -9.63 1.47 5.34
N VAL A 375 -10.50 0.74 4.63
CA VAL A 375 -10.11 -0.47 3.95
C VAL A 375 -9.33 -0.16 2.69
N THR A 376 -9.59 1.02 2.22
CA THR A 376 -8.99 1.46 0.96
C THR A 376 -9.43 0.55 -0.19
N GLY A 377 -10.46 -0.26 0.09
CA GLY A 377 -11.00 -1.22 -0.88
C GLY A 377 -11.86 -0.53 -1.92
N LEU A 378 -12.73 0.36 -1.50
CA LEU A 378 -13.62 1.01 -2.45
C LEU A 378 -13.61 2.53 -2.52
N ASP A 379 -13.12 3.26 -1.51
CA ASP A 379 -13.08 4.70 -1.74
C ASP A 379 -12.02 5.09 -2.76
N ILE A 380 -11.12 4.16 -3.09
CA ILE A 380 -10.15 4.38 -4.15
C ILE A 380 -10.87 4.06 -5.46
N ARG A 381 -11.46 5.12 -6.02
CA ARG A 381 -12.14 5.14 -7.34
C ARG A 381 -11.32 6.12 -8.18
N HIS A 382 -10.44 5.61 -9.05
CA HIS A 382 -9.51 6.49 -9.74
C HIS A 382 -10.24 7.48 -10.63
N ASP A 383 -10.18 8.75 -10.24
CA ASP A 383 -10.92 9.81 -10.92
C ASP A 383 -10.52 9.99 -12.37
N VAL A 384 -9.42 9.39 -12.81
CA VAL A 384 -8.98 9.47 -14.20
C VAL A 384 -9.63 8.33 -14.96
N GLY A 385 -10.58 8.66 -15.82
CA GLY A 385 -11.26 7.69 -16.65
C GLY A 385 -11.98 8.39 -17.78
N GLU A 386 -12.88 7.65 -18.41
CA GLU A 386 -13.55 8.17 -19.60
C GLU A 386 -14.64 9.20 -19.29
N GLY A 387 -15.68 8.77 -18.57
CA GLY A 387 -16.71 9.69 -18.13
C GLY A 387 -16.78 9.65 -16.63
N ASP A 388 -16.26 8.57 -16.07
CA ASP A 388 -16.18 8.28 -14.64
C ASP A 388 -17.52 7.93 -14.02
N HIS A 389 -18.56 7.68 -14.81
CA HIS A 389 -19.86 7.50 -14.15
C HIS A 389 -20.08 6.10 -13.55
N PRO A 390 -20.21 4.99 -14.32
CA PRO A 390 -20.37 3.70 -13.67
C PRO A 390 -19.06 2.93 -13.51
N LEU A 391 -18.63 2.66 -12.26
CA LEU A 391 -17.47 1.84 -11.80
C LEU A 391 -16.14 2.07 -12.54
N LEU A 392 -15.94 3.22 -13.17
CA LEU A 392 -14.70 3.40 -13.97
C LEU A 392 -13.38 3.22 -13.22
N GLY A 393 -13.03 4.15 -12.37
CA GLY A 393 -11.75 4.10 -11.68
C GLY A 393 -11.81 3.23 -10.44
N ARG A 394 -12.92 2.57 -10.23
CA ARG A 394 -13.22 1.62 -9.17
C ARG A 394 -12.62 0.27 -9.52
N ARG A 395 -12.35 -0.54 -8.51
CA ARG A 395 -11.77 -1.84 -8.79
C ARG A 395 -12.85 -2.88 -8.97
N LEU A 396 -12.45 -4.03 -9.52
CA LEU A 396 -13.40 -5.09 -9.85
C LEU A 396 -13.28 -6.24 -8.86
N PRO A 397 -14.35 -6.59 -8.16
CA PRO A 397 -14.27 -7.63 -7.14
C PRO A 397 -14.48 -9.04 -7.68
N ASP A 398 -13.90 -9.99 -6.94
CA ASP A 398 -13.93 -11.43 -7.26
C ASP A 398 -15.30 -11.89 -7.71
N ARG A 399 -15.33 -12.63 -8.82
CA ARG A 399 -16.56 -13.14 -9.39
C ARG A 399 -16.24 -14.37 -10.23
N GLU A 400 -17.03 -15.43 -10.08
CA GLU A 400 -16.74 -16.68 -10.80
C GLU A 400 -17.14 -16.50 -12.26
N LEU A 401 -16.44 -17.24 -13.14
CA LEU A 401 -16.65 -17.25 -14.59
C LEU A 401 -16.94 -18.67 -15.03
N VAL A 402 -17.39 -18.84 -16.27
CA VAL A 402 -17.78 -20.20 -16.67
C VAL A 402 -17.08 -20.77 -17.90
N VAL A 403 -17.50 -21.99 -18.18
CA VAL A 403 -16.84 -23.00 -19.01
C VAL A 403 -16.48 -22.54 -20.42
N ASP A 404 -17.13 -21.48 -20.93
CA ASP A 404 -16.83 -21.00 -22.27
C ASP A 404 -15.35 -20.70 -22.44
N GLY A 405 -14.74 -20.09 -21.44
CA GLY A 405 -13.29 -20.11 -21.38
C GLY A 405 -12.87 -21.45 -20.81
N GLU A 406 -13.16 -21.62 -19.52
CA GLU A 406 -12.91 -22.80 -18.70
C GLU A 406 -13.54 -22.47 -17.36
N LYS A 407 -13.44 -23.40 -16.40
CA LYS A 407 -13.95 -23.13 -15.07
C LYS A 407 -13.36 -21.87 -14.44
N ILE A 408 -12.11 -21.54 -14.74
CA ILE A 408 -11.29 -20.51 -14.11
C ILE A 408 -11.99 -19.16 -13.99
N PRO A 409 -12.16 -18.61 -12.79
CA PRO A 409 -12.68 -17.23 -12.64
C PRO A 409 -11.56 -16.21 -12.84
N PHE A 410 -11.84 -14.94 -12.64
CA PHE A 410 -10.91 -13.89 -13.04
C PHE A 410 -9.92 -13.37 -12.00
N TYR A 411 -10.02 -13.73 -10.74
CA TYR A 411 -8.88 -13.37 -9.91
C TYR A 411 -7.62 -14.00 -10.50
N SER A 412 -7.74 -15.27 -10.89
CA SER A 412 -6.68 -15.97 -11.61
C SER A 412 -6.21 -15.21 -12.84
N LEU A 413 -7.04 -14.35 -13.40
CA LEU A 413 -6.66 -13.73 -14.66
C LEU A 413 -5.67 -12.60 -14.46
N LEU A 414 -5.71 -11.90 -13.32
CA LEU A 414 -4.80 -10.77 -13.23
C LEU A 414 -3.42 -11.20 -12.76
N ARG A 415 -3.22 -12.50 -12.56
CA ARG A 415 -1.97 -12.99 -11.98
C ARG A 415 -0.73 -12.73 -12.85
N PRO A 416 -0.77 -12.76 -14.15
CA PRO A 416 0.42 -12.42 -14.93
C PRO A 416 0.67 -10.93 -15.14
N GLY A 417 0.00 -10.05 -14.41
CA GLY A 417 0.28 -8.63 -14.55
C GLY A 417 -0.09 -8.06 -15.89
N ARG A 418 -0.99 -8.74 -16.60
CA ARG A 418 -1.49 -8.37 -17.90
C ARG A 418 -2.83 -7.68 -17.71
N ALA A 419 -3.48 -7.28 -18.80
CA ALA A 419 -4.83 -6.78 -18.71
C ALA A 419 -5.80 -7.87 -19.15
N VAL A 420 -7.08 -7.56 -19.05
CA VAL A 420 -8.07 -8.55 -19.47
C VAL A 420 -9.33 -7.86 -19.97
N LEU A 421 -10.14 -8.66 -20.68
CA LEU A 421 -11.35 -8.20 -21.36
C LEU A 421 -12.33 -9.35 -21.32
N LEU A 422 -13.53 -9.12 -20.79
CA LEU A 422 -14.49 -10.18 -20.54
C LEU A 422 -15.67 -10.04 -21.49
N GLU A 423 -15.91 -11.06 -22.30
CA GLU A 423 -17.01 -11.07 -23.24
C GLU A 423 -17.81 -12.36 -23.11
N LEU A 424 -18.97 -12.35 -23.74
CA LEU A 424 -20.03 -13.34 -23.46
C LEU A 424 -20.06 -14.47 -24.48
N GLY A 425 -19.05 -14.60 -25.32
CA GLY A 425 -19.14 -15.53 -26.43
C GLY A 425 -19.86 -14.95 -27.61
N GLY A 426 -20.39 -13.78 -27.47
CA GLY A 426 -21.08 -13.09 -28.56
C GLY A 426 -20.30 -11.80 -28.65
N ASP A 427 -20.91 -10.76 -29.22
CA ASP A 427 -20.18 -9.51 -29.48
C ASP A 427 -18.84 -9.83 -30.13
N ARG A 428 -18.85 -10.82 -31.03
CA ARG A 428 -17.66 -11.30 -31.78
C ARG A 428 -16.93 -10.10 -32.37
N GLY A 429 -17.68 -9.18 -33.01
CA GLY A 429 -17.04 -8.01 -33.58
C GLY A 429 -16.23 -7.27 -32.54
N LEU A 430 -16.85 -6.98 -31.39
CA LEU A 430 -16.07 -6.36 -30.33
C LEU A 430 -15.11 -7.35 -29.68
N ARG A 431 -15.44 -8.65 -29.66
CA ARG A 431 -14.47 -9.67 -29.16
C ARG A 431 -13.13 -9.63 -29.93
N THR A 432 -13.11 -9.56 -31.27
CA THR A 432 -11.84 -9.59 -31.98
C THR A 432 -11.60 -8.43 -32.92
N ALA A 433 -12.63 -7.87 -33.55
CA ALA A 433 -12.39 -6.69 -34.38
C ALA A 433 -12.08 -5.47 -33.52
N ALA A 434 -12.52 -5.46 -32.26
CA ALA A 434 -12.10 -4.45 -31.32
C ALA A 434 -10.89 -4.88 -30.49
N ALA A 435 -10.56 -6.15 -30.49
CA ALA A 435 -9.44 -6.67 -29.69
C ALA A 435 -8.74 -7.77 -30.47
N GLY A 436 -7.69 -7.39 -31.18
CA GLY A 436 -6.79 -8.34 -31.81
C GLY A 436 -5.41 -8.17 -31.21
N TRP A 437 -5.38 -7.79 -29.93
CA TRP A 437 -4.17 -7.57 -29.16
C TRP A 437 -4.00 -8.70 -28.13
N ALA A 438 -4.36 -9.92 -28.55
CA ALA A 438 -4.38 -11.09 -27.69
C ALA A 438 -3.15 -11.25 -26.79
N ASP A 439 -1.97 -10.86 -27.27
CA ASP A 439 -0.80 -10.94 -26.41
C ASP A 439 -0.75 -9.72 -25.51
N ARG A 440 -1.12 -8.57 -26.05
CA ARG A 440 -1.06 -7.29 -25.28
C ARG A 440 -1.96 -7.34 -24.06
N VAL A 441 -3.17 -7.84 -24.20
CA VAL A 441 -4.13 -8.00 -23.14
C VAL A 441 -4.72 -9.38 -23.28
N ASP A 442 -5.59 -9.77 -22.37
CA ASP A 442 -6.18 -11.08 -22.40
C ASP A 442 -7.64 -10.95 -22.78
N LEU A 443 -8.08 -11.76 -23.74
CA LEU A 443 -9.44 -11.74 -24.23
C LEU A 443 -10.09 -13.03 -23.77
N VAL A 444 -11.14 -12.91 -22.96
CA VAL A 444 -11.75 -14.03 -22.27
C VAL A 444 -13.21 -14.08 -22.66
N ALA A 445 -13.71 -15.29 -22.89
CA ALA A 445 -15.07 -15.52 -23.36
C ALA A 445 -15.79 -16.41 -22.37
N ALA A 446 -16.83 -15.87 -21.72
CA ALA A 446 -17.59 -16.67 -20.75
C ALA A 446 -18.87 -15.96 -20.36
N GLU A 447 -19.78 -16.74 -19.77
CA GLU A 447 -21.03 -16.26 -19.17
C GLU A 447 -20.81 -16.14 -17.66
N PHE A 448 -20.24 -15.02 -17.25
CA PHE A 448 -19.58 -14.84 -15.95
C PHE A 448 -20.52 -14.47 -14.80
N ASP A 449 -21.84 -14.53 -14.99
CA ASP A 449 -22.78 -13.99 -14.00
C ASP A 449 -23.03 -14.95 -12.84
N GLY A 450 -22.20 -14.86 -11.80
CA GLY A 450 -22.40 -15.72 -10.61
C GLY A 450 -23.50 -15.24 -9.66
N CYS A 451 -23.33 -14.03 -9.11
CA CYS A 451 -24.17 -13.37 -8.12
C CYS A 451 -24.99 -12.28 -8.80
N GLU A 452 -25.42 -11.29 -8.00
CA GLU A 452 -26.53 -10.44 -8.45
C GLU A 452 -26.12 -9.10 -9.06
N ALA A 453 -24.95 -8.54 -8.73
CA ALA A 453 -24.71 -7.11 -8.98
C ALA A 453 -24.45 -6.62 -10.42
N PRO A 454 -23.45 -6.96 -11.21
CA PRO A 454 -23.27 -6.29 -12.53
C PRO A 454 -23.68 -7.15 -13.74
N VAL A 455 -23.59 -6.53 -14.92
CA VAL A 455 -23.87 -7.12 -16.23
C VAL A 455 -22.65 -6.99 -17.15
N ASP A 456 -22.80 -7.47 -18.40
CA ASP A 456 -21.67 -7.67 -19.31
C ASP A 456 -21.14 -6.35 -19.89
N GLY A 457 -19.87 -6.39 -20.36
CA GLY A 457 -19.24 -5.29 -21.09
C GLY A 457 -18.02 -4.59 -20.50
N ILE A 458 -17.00 -5.33 -20.03
CA ILE A 458 -15.90 -4.73 -19.28
C ILE A 458 -14.54 -5.33 -19.63
N LEU A 459 -13.54 -4.45 -19.80
CA LEU A 459 -12.12 -4.79 -19.80
C LEU A 459 -11.44 -4.03 -18.66
N VAL A 460 -10.43 -4.65 -18.03
CA VAL A 460 -9.78 -4.04 -16.88
C VAL A 460 -8.27 -4.03 -17.01
N ARG A 461 -7.69 -3.00 -16.36
CA ARG A 461 -6.29 -2.65 -16.14
C ARG A 461 -5.59 -3.78 -15.39
N PRO A 462 -4.25 -3.84 -15.41
CA PRO A 462 -3.55 -4.93 -14.72
C PRO A 462 -3.68 -4.86 -13.20
N ASP A 463 -3.92 -3.69 -12.62
CA ASP A 463 -4.04 -3.59 -11.18
C ASP A 463 -5.44 -3.86 -10.67
N GLY A 464 -6.35 -4.25 -11.56
CA GLY A 464 -7.71 -4.57 -11.18
C GLY A 464 -8.71 -3.44 -11.34
N TYR A 465 -8.33 -2.36 -11.99
CA TYR A 465 -9.26 -1.26 -12.19
C TYR A 465 -9.89 -1.33 -13.57
N VAL A 466 -11.13 -0.87 -13.64
CA VAL A 466 -11.94 -0.96 -14.84
C VAL A 466 -11.62 0.23 -15.72
N ALA A 467 -11.54 0.00 -17.03
CA ALA A 467 -11.27 1.08 -17.96
C ALA A 467 -12.36 1.25 -19.00
N TRP A 468 -13.13 0.21 -19.28
CA TRP A 468 -14.17 0.29 -20.29
C TRP A 468 -15.45 -0.34 -19.77
N VAL A 469 -16.35 0.49 -19.26
CA VAL A 469 -17.69 0.04 -18.93
C VAL A 469 -18.49 -0.03 -20.23
N ALA A 470 -19.51 -0.88 -20.27
CA ALA A 470 -20.28 -0.99 -21.49
C ALA A 470 -21.64 -1.61 -21.23
N ALA A 471 -22.48 -1.43 -22.23
CA ALA A 471 -23.77 -1.99 -22.55
C ALA A 471 -24.00 -1.55 -23.99
N LEU A 472 -24.73 -2.34 -24.78
CA LEU A 472 -25.02 -1.88 -26.17
C LEU A 472 -26.36 -2.43 -26.64
N GLY A 475 -24.82 2.83 -24.80
CA GLY A 475 -23.64 3.06 -25.65
C GLY A 475 -24.13 2.93 -27.09
N ALA A 476 -23.62 3.77 -27.99
CA ALA A 476 -24.02 3.74 -29.39
C ALA A 476 -22.84 3.06 -30.06
N ASP A 477 -21.65 3.64 -29.93
CA ASP A 477 -20.44 3.09 -30.52
C ASP A 477 -19.64 2.33 -29.46
N GLY A 478 -19.00 1.25 -29.90
CA GLY A 478 -18.06 0.55 -29.05
C GLY A 478 -16.71 1.24 -29.07
N LEU A 479 -16.44 2.06 -28.07
CA LEU A 479 -15.20 2.82 -28.02
C LEU A 479 -14.04 1.90 -27.66
N THR A 480 -13.04 1.86 -28.54
CA THR A 480 -11.85 1.06 -28.35
C THR A 480 -10.63 1.92 -28.11
N THR A 481 -10.84 3.23 -28.00
CA THR A 481 -9.78 4.19 -27.75
C THR A 481 -9.35 4.23 -26.29
N ALA A 482 -10.17 3.68 -25.39
CA ALA A 482 -9.69 3.43 -24.04
C ALA A 482 -8.46 2.54 -24.04
N LEU A 483 -8.39 1.61 -25.00
CA LEU A 483 -7.20 0.77 -25.16
C LEU A 483 -6.02 1.56 -25.70
N ASP A 484 -6.26 2.74 -26.27
CA ASP A 484 -5.18 3.70 -26.54
C ASP A 484 -4.86 4.51 -25.29
N ARG A 485 -5.85 4.68 -24.39
CA ARG A 485 -5.63 5.47 -23.18
C ARG A 485 -4.69 4.77 -22.21
N TRP A 486 -4.66 3.43 -22.21
CA TRP A 486 -3.85 2.68 -21.27
C TRP A 486 -2.97 1.62 -21.94
N PHE A 487 -3.01 1.53 -23.27
CA PHE A 487 -2.14 0.64 -24.03
C PHE A 487 -1.80 1.33 -25.34
N GLY A 488 -1.03 0.68 -26.16
CA GLY A 488 -0.57 1.23 -27.41
C GLY A 488 -1.25 0.60 -28.62
N PRO A 489 -1.21 1.29 -29.75
CA PRO A 489 -1.79 0.82 -31.05
C PRO A 489 -0.87 -0.10 -31.86
N THR A 490 -0.86 -1.39 -31.51
CA THR A 490 0.08 -2.31 -32.12
C THR A 490 -0.62 -3.55 -32.68
N ALA A 491 -0.12 -4.00 -33.83
CA ALA A 491 -0.70 -5.13 -34.56
C ALA A 491 0.08 -6.41 -34.30
PA FAD B . 10.14 0.60 4.71
O1A FAD B . 9.65 -0.52 5.56
O2A FAD B . 10.01 1.99 5.19
O5B FAD B . 11.64 0.28 4.39
C5B FAD B . 12.44 1.09 3.54
C4B FAD B . 13.62 0.29 3.08
O4B FAD B . 14.58 1.16 2.45
C3B FAD B . 14.37 -0.42 4.21
O3B FAD B . 14.78 -1.72 3.78
C2B FAD B . 15.55 0.50 4.45
O2B FAD B . 16.72 -0.08 5.03
C1B FAD B . 15.85 0.88 3.01
N9A FAD B . 16.71 2.04 2.87
C8A FAD B . 16.71 3.18 3.63
N7A FAD B . 17.64 4.04 3.29
C5A FAD B . 18.31 3.41 2.26
C6A FAD B . 19.42 3.78 1.47
N6A FAD B . 20.06 4.94 1.61
N1A FAD B . 19.84 2.90 0.53
C2A FAD B . 19.21 1.74 0.40
N3A FAD B . 18.16 1.28 1.08
C4A FAD B . 17.76 2.17 2.01
N1 FAD B . 2.70 0.58 10.70
C2 FAD B . 1.53 0.12 11.19
O2 FAD B . 0.49 0.23 10.55
N3 FAD B . 1.46 -0.47 12.41
C4 FAD B . 2.56 -0.64 13.20
O4 FAD B . 2.45 -1.18 14.30
C4X FAD B . 3.78 -0.17 12.73
N5 FAD B . 4.85 -0.32 13.48
C5X FAD B . 6.03 0.14 12.98
C6 FAD B . 7.18 -0.01 13.77
C7 FAD B . 8.41 0.42 13.34
C7M FAD B . 9.63 0.23 14.21
C8 FAD B . 8.54 1.04 12.07
C8M FAD B . 9.88 1.53 11.58
C9 FAD B . 7.41 1.20 11.29
C9A FAD B . 6.15 0.76 11.72
N10 FAD B . 4.99 0.90 10.97
C10 FAD B . 3.78 0.45 11.44
C1' FAD B . 5.06 1.52 9.65
C2' FAD B . 5.17 0.49 8.55
O2' FAD B . 5.99 -0.58 9.01
C3' FAD B . 5.80 1.10 7.30
O3' FAD B . 4.92 2.07 6.76
C4' FAD B . 6.10 0.05 6.22
O4' FAD B . 7.32 -0.62 6.53
C5' FAD B . 6.14 0.63 4.82
O5' FAD B . 7.47 1.06 4.45
P FAD B . 7.95 0.91 2.94
O1P FAD B . 7.98 2.25 2.28
O2P FAD B . 7.22 -0.22 2.29
O3P FAD B . 9.43 0.48 3.30
#